data_3FZX
#
_entry.id   3FZX
#
_cell.length_a   143.740
_cell.length_b   143.740
_cell.length_c   49.460
_cell.angle_alpha   90.000
_cell.angle_beta   90.000
_cell.angle_gamma   120.000
#
_symmetry.space_group_name_H-M   'P 64 2 2'
#
loop_
_entity.id
_entity.type
_entity.pdbx_description
1 polymer 'Putative exported protein'
2 non-polymer 'CALCIUM ION'
3 water water
#
_entity_poly.entity_id   1
_entity_poly.type   'polypeptide(L)'
_entity_poly.pdbx_seq_one_letter_code
;GAQNQDCAFFFPNQEGEQITRNCYTADGKLTNILVYRVDQAYEYPSG(MSE)EVVANYTFADAAGKTLNSGQ(MSE)VAR
CSDGNFS(MSE)S(MSE)GDVATFPTALN(MSE)(MSE)NADVY(MSE)(MSE)GDL(MSE)NYPDAFSNP(MSE)NPGD
DDEFDDGTLRLYQKGNKNNRAEISVFDREFVTTETVNTPAGAFYCTKVKYE(MSE)NIWTPKETIKGYGYEWYAPNIGIV
RSEQYNNKKELQSYSVLERIKK
;
_entity_poly.pdbx_strand_id   A
#
# COMPACT_ATOMS: atom_id res chain seq x y z
N CYS A 7 10.17 18.29 2.51
CA CYS A 7 9.62 17.13 3.27
C CYS A 7 8.20 16.84 2.77
N ALA A 8 8.11 16.03 1.71
CA ALA A 8 6.81 15.63 1.15
C ALA A 8 6.12 14.58 2.02
N PHE A 9 4.81 14.63 2.10
CA PHE A 9 4.02 13.73 2.94
C PHE A 9 3.20 12.86 1.99
N PHE A 10 3.54 11.58 1.88
CA PHE A 10 2.94 10.69 0.87
C PHE A 10 1.68 9.98 1.35
N PHE A 11 0.67 10.76 1.68
CA PHE A 11 -0.60 10.26 2.21
C PHE A 11 -1.55 11.44 2.37
N PRO A 12 -2.87 11.24 2.25
CA PRO A 12 -3.71 12.41 2.51
C PRO A 12 -3.54 12.94 3.92
N ASN A 13 -3.67 14.25 4.07
CA ASN A 13 -3.47 14.87 5.35
C ASN A 13 -4.49 15.93 5.77
N GLN A 14 -5.59 16.11 5.03
CA GLN A 14 -6.68 17.00 5.48
C GLN A 14 -7.72 16.19 6.20
N GLU A 15 -8.10 16.61 7.41
CA GLU A 15 -9.12 15.89 8.19
C GLU A 15 -10.38 15.68 7.36
N GLY A 16 -10.93 14.48 7.38
CA GLY A 16 -12.14 14.17 6.62
C GLY A 16 -11.86 13.70 5.20
N GLU A 17 -10.66 13.94 4.67
CA GLU A 17 -10.37 13.54 3.28
C GLU A 17 -10.46 12.03 3.15
N GLN A 18 -10.93 11.56 1.99
CA GLN A 18 -11.23 10.14 1.73
C GLN A 18 -10.68 9.69 0.38
N ILE A 19 -9.86 8.64 0.37
CA ILE A 19 -9.20 8.11 -0.82
C ILE A 19 -9.73 6.69 -1.01
N THR A 20 -10.12 6.35 -2.25
CA THR A 20 -10.57 5.02 -2.60
C THR A 20 -9.63 4.45 -3.62
N ARG A 21 -9.22 3.20 -3.40
CA ARG A 21 -8.41 2.48 -4.37
C ARG A 21 -9.10 1.13 -4.67
N ASN A 22 -9.18 0.79 -5.95
CA ASN A 22 -9.81 -0.45 -6.40
C ASN A 22 -8.75 -1.53 -6.64
N CYS A 23 -9.10 -2.79 -6.36
CA CYS A 23 -8.21 -3.95 -6.56
C CYS A 23 -8.76 -4.86 -7.60
N TYR A 24 -7.87 -5.33 -8.50
CA TYR A 24 -8.25 -6.13 -9.66
C TYR A 24 -7.43 -7.42 -9.80
N THR A 25 -8.07 -8.44 -10.40
CA THR A 25 -7.41 -9.65 -10.86
C THR A 25 -6.62 -9.25 -12.10
N ALA A 26 -5.69 -10.13 -12.49
CA ALA A 26 -4.88 -9.95 -13.69
C ALA A 26 -5.74 -9.80 -14.93
N ASP A 27 -6.99 -10.29 -14.89
CA ASP A 27 -7.93 -10.12 -16.01
C ASP A 27 -8.85 -8.89 -15.93
N GLY A 28 -8.55 -8.00 -14.99
CA GLY A 28 -9.21 -6.71 -14.89
C GLY A 28 -10.52 -6.70 -14.11
N LYS A 29 -10.85 -7.83 -13.48
CA LYS A 29 -12.07 -7.91 -12.68
C LYS A 29 -11.84 -7.29 -11.31
N LEU A 30 -12.79 -6.47 -10.88
CA LEU A 30 -12.76 -5.83 -9.57
C LEU A 30 -13.03 -6.88 -8.47
N THR A 31 -12.08 -7.03 -7.54
CA THR A 31 -12.21 -7.93 -6.38
C THR A 31 -12.48 -7.17 -5.07
N ASN A 32 -11.82 -6.03 -4.87
CA ASN A 32 -11.96 -5.32 -3.59
C ASN A 32 -11.84 -3.84 -3.72
N ILE A 33 -12.36 -3.14 -2.72
CA ILE A 33 -12.30 -1.69 -2.65
C ILE A 33 -11.71 -1.31 -1.31
N LEU A 34 -10.65 -0.49 -1.32
CA LEU A 34 -10.02 0.00 -0.09
C LEU A 34 -10.31 1.50 0.06
N VAL A 35 -10.77 1.89 1.24
CA VAL A 35 -11.16 3.28 1.52
C VAL A 35 -10.41 3.75 2.76
N TYR A 36 -9.68 4.84 2.63
CA TYR A 36 -9.01 5.48 3.75
C TYR A 36 -9.72 6.78 4.05
N ARG A 37 -9.91 7.10 5.33
CA ARG A 37 -10.42 8.41 5.72
C ARG A 37 -9.52 9.01 6.82
N VAL A 38 -9.03 10.23 6.57
CA VAL A 38 -8.19 10.94 7.52
C VAL A 38 -9.04 11.33 8.73
N ASP A 39 -8.72 10.79 9.89
CA ASP A 39 -9.45 11.04 11.14
C ASP A 39 -8.87 12.27 11.83
N GLN A 40 -7.56 12.33 11.99
CA GLN A 40 -6.91 13.44 12.68
C GLN A 40 -5.53 13.72 12.13
N ALA A 41 -5.15 14.98 12.04
CA ALA A 41 -3.79 15.37 11.69
C ALA A 41 -3.24 16.12 12.88
N TYR A 42 -2.06 15.72 13.36
CA TYR A 42 -1.39 16.35 14.50
C TYR A 42 -0.05 16.93 14.08
N GLU A 43 0.29 18.09 14.60
CA GLU A 43 1.54 18.74 14.26
C GLU A 43 2.53 18.57 15.38
N TYR A 44 3.75 18.18 15.01
CA TYR A 44 4.86 18.04 15.92
C TYR A 44 6.00 18.87 15.34
N PRO A 45 6.92 19.36 16.19
CA PRO A 45 8.03 20.14 15.63
C PRO A 45 8.73 19.38 14.51
N SER A 46 8.98 18.10 14.70
CA SER A 46 9.70 17.29 13.72
C SER A 46 8.89 16.84 12.49
N GLY A 47 7.65 17.34 12.31
CA GLY A 47 6.78 16.84 11.25
C GLY A 47 5.39 16.43 11.75
N GLU A 49 1.75 13.95 12.09
CA GLU A 49 1.20 12.62 12.34
C GLU A 49 -0.25 12.61 11.84
N VAL A 50 -0.59 11.62 11.00
CA VAL A 50 -1.97 11.48 10.49
C VAL A 50 -2.50 10.12 10.91
N VAL A 51 -3.64 10.09 11.59
CA VAL A 51 -4.32 8.86 11.96
C VAL A 51 -5.49 8.74 10.97
N ALA A 52 -5.56 7.62 10.24
CA ALA A 52 -6.66 7.40 9.29
C ALA A 52 -7.36 6.07 9.59
N ASN A 53 -8.67 6.04 9.35
CA ASN A 53 -9.45 4.79 9.39
C ASN A 53 -9.43 4.14 8.01
N TYR A 54 -9.25 2.82 7.96
CA TYR A 54 -9.33 2.07 6.71
C TYR A 54 -10.48 1.09 6.76
N THR A 55 -11.06 0.86 5.58
CA THR A 55 -12.04 -0.19 5.34
C THR A 55 -11.64 -0.94 4.05
N PHE A 56 -11.67 -2.26 4.15
CA PHE A 56 -11.44 -3.18 3.05
C PHE A 56 -12.80 -3.79 2.82
N ALA A 57 -13.30 -3.69 1.61
CA ALA A 57 -14.56 -4.34 1.24
C ALA A 57 -14.36 -5.17 -0.01
N ASP A 58 -15.33 -6.04 -0.29
CA ASP A 58 -15.32 -6.82 -1.53
C ASP A 58 -15.96 -5.98 -2.63
N ALA A 59 -16.04 -6.54 -3.84
CA ALA A 59 -16.58 -5.84 -5.02
C ALA A 59 -18.04 -5.43 -4.84
N ALA A 60 -18.79 -6.15 -4.00
CA ALA A 60 -20.19 -5.79 -3.73
C ALA A 60 -20.34 -4.79 -2.55
N GLY A 61 -19.24 -4.20 -2.09
CA GLY A 61 -19.30 -3.25 -0.95
C GLY A 61 -19.42 -3.80 0.47
N LYS A 62 -19.52 -5.12 0.65
CA LYS A 62 -19.52 -5.71 1.99
C LYS A 62 -18.13 -5.53 2.67
N THR A 63 -18.12 -4.91 3.86
CA THR A 63 -16.90 -4.69 4.61
C THR A 63 -16.28 -6.02 5.02
N LEU A 64 -14.99 -6.19 4.79
CA LEU A 64 -14.23 -7.37 5.17
C LEU A 64 -13.40 -7.10 6.43
N ASN A 65 -12.90 -5.89 6.57
CA ASN A 65 -12.00 -5.55 7.66
C ASN A 65 -11.91 -4.04 7.76
N SER A 66 -11.83 -3.53 8.98
CA SER A 66 -11.50 -2.12 9.21
C SER A 66 -10.68 -1.91 10.46
N GLY A 67 -9.91 -0.84 10.43
CA GLY A 67 -9.03 -0.50 11.53
C GLY A 67 -8.51 0.91 11.36
N GLN A 68 -7.42 1.19 12.06
CA GLN A 68 -6.79 2.48 11.98
C GLN A 68 -5.38 2.26 11.55
N VAL A 70 -1.49 4.71 10.50
CA VAL A 70 -0.78 5.95 10.69
CA VAL A 70 -0.74 5.94 10.71
C VAL A 70 0.18 6.26 9.56
N ALA A 71 0.22 7.54 9.16
CA ALA A 71 1.20 8.08 8.21
C ALA A 71 1.91 9.19 8.99
N ARG A 72 3.22 9.34 8.79
CA ARG A 72 3.99 10.31 9.51
C ARG A 72 5.28 10.80 8.87
N CYS A 73 5.62 12.02 9.25
CA CYS A 73 6.85 12.68 8.90
C CYS A 73 7.59 12.90 10.20
N SER A 74 8.80 12.41 10.27
CA SER A 74 9.68 12.68 11.39
C SER A 74 11.06 13.08 10.87
N ASP A 75 11.50 14.26 11.28
CA ASP A 75 12.69 14.90 10.72
C ASP A 75 12.43 15.02 9.23
N GLY A 76 13.33 14.60 8.37
CA GLY A 76 13.02 14.72 6.94
C GLY A 76 12.22 13.58 6.37
N ASN A 77 11.93 12.55 7.19
CA ASN A 77 11.51 11.23 6.69
C ASN A 77 10.08 10.81 6.88
N PHE A 78 9.46 10.44 5.76
CA PHE A 78 8.09 9.98 5.78
C PHE A 78 8.03 8.48 5.91
N SER A 79 7.16 7.98 6.79
CA SER A 79 6.92 6.54 6.86
C SER A 79 5.45 6.28 7.12
N SER A 81 2.28 2.86 7.97
CA SER A 81 1.79 1.50 8.08
C SER A 81 1.70 0.83 6.72
N GLY A 83 -0.51 -1.19 5.46
CA GLY A 83 -1.85 -1.48 4.97
C GLY A 83 -1.93 -1.83 3.48
N ASP A 84 -1.28 -1.03 2.65
CA ASP A 84 -1.30 -1.22 1.21
C ASP A 84 -0.84 -2.60 0.69
N VAL A 85 0.13 -3.24 1.36
CA VAL A 85 0.53 -4.60 0.96
C VAL A 85 -0.57 -5.61 1.32
N ALA A 86 -1.52 -5.24 2.20
CA ALA A 86 -2.73 -6.06 2.42
C ALA A 86 -3.65 -6.13 1.19
N THR A 87 -3.40 -5.31 0.16
CA THR A 87 -4.17 -5.45 -1.07
C THR A 87 -3.68 -6.63 -1.91
N PHE A 88 -2.70 -7.39 -1.44
CA PHE A 88 -2.31 -8.63 -2.14
C PHE A 88 -3.48 -9.62 -2.02
N PRO A 89 -3.77 -10.41 -3.07
CA PRO A 89 -4.94 -11.31 -3.02
C PRO A 89 -5.00 -12.29 -1.83
N THR A 90 -3.86 -12.85 -1.45
CA THR A 90 -3.78 -13.77 -0.31
C THR A 90 -4.30 -13.08 0.93
N ALA A 91 -3.95 -11.82 1.08
CA ALA A 91 -4.38 -11.03 2.21
C ALA A 91 -5.87 -10.74 2.14
N LEU A 92 -6.30 -10.19 1.00
CA LEU A 92 -7.69 -9.81 0.81
C LEU A 92 -8.62 -10.99 1.07
N ASN A 93 -8.23 -12.13 0.52
CA ASN A 93 -9.03 -13.35 0.60
C ASN A 93 -9.09 -14.03 1.95
N ASN A 96 -11.47 -11.09 7.55
CA ASN A 96 -12.80 -10.94 8.10
C ASN A 96 -12.68 -10.02 9.33
N ALA A 97 -13.81 -9.73 9.97
CA ALA A 97 -13.84 -8.82 11.11
C ALA A 97 -12.92 -9.21 12.27
N ASP A 98 -12.60 -10.50 12.41
CA ASP A 98 -11.71 -10.96 13.48
C ASP A 98 -10.22 -11.01 13.07
N VAL A 99 -9.89 -10.57 11.86
CA VAL A 99 -8.49 -10.53 11.43
C VAL A 99 -7.85 -9.22 11.83
N TYR A 100 -6.66 -9.31 12.38
CA TYR A 100 -5.86 -8.17 12.77
C TYR A 100 -4.55 -8.26 12.06
N GLY A 103 2.51 -4.55 11.32
CA GLY A 103 3.67 -4.42 10.47
C GLY A 103 4.56 -3.30 10.93
N ASP A 104 5.72 -3.19 10.31
CA ASP A 104 6.60 -2.04 10.49
C ASP A 104 5.96 -0.80 9.90
N LEU A 105 6.41 0.36 10.37
CA LEU A 105 6.15 1.59 9.65
C LEU A 105 7.23 1.54 8.57
N ASN A 107 9.24 3.25 5.28
CA ASN A 107 9.65 4.57 4.79
C ASN A 107 9.44 4.76 3.28
N TYR A 108 9.16 5.99 2.86
CA TYR A 108 8.97 6.31 1.45
C TYR A 108 9.81 7.52 1.15
N PRO A 109 10.98 7.33 0.52
CA PRO A 109 11.82 8.46 0.21
C PRO A 109 11.20 9.44 -0.76
N ASP A 110 11.69 10.67 -0.64
CA ASP A 110 11.24 11.79 -1.44
C ASP A 110 12.22 11.96 -2.61
N ALA A 111 11.92 11.26 -3.70
CA ALA A 111 12.71 11.33 -4.94
C ALA A 111 12.67 12.74 -5.52
N PHE A 112 11.49 13.35 -5.36
CA PHE A 112 11.17 14.65 -5.95
C PHE A 112 12.03 15.76 -5.39
N SER A 113 12.48 15.64 -4.14
CA SER A 113 13.42 16.61 -3.60
C SER A 113 14.83 16.04 -3.59
N ASN A 114 15.00 14.77 -3.19
CA ASN A 114 16.31 14.08 -3.20
C ASN A 114 16.40 13.06 -4.32
N PRO A 115 16.93 13.47 -5.48
CA PRO A 115 16.90 12.63 -6.67
C PRO A 115 17.71 11.35 -6.51
N ASN A 117 19.04 7.71 -8.62
CA ASN A 117 19.30 7.02 -9.87
C ASN A 117 18.54 5.69 -9.89
N PRO A 118 18.05 5.29 -11.07
CA PRO A 118 17.42 3.98 -11.22
C PRO A 118 18.29 2.88 -10.61
N GLY A 119 17.69 2.06 -9.76
CA GLY A 119 18.40 1.01 -9.07
C GLY A 119 18.78 1.37 -7.66
N ASP A 120 18.72 2.66 -7.27
CA ASP A 120 19.05 3.04 -5.89
C ASP A 120 18.11 2.32 -4.91
N ASP A 121 18.69 1.65 -3.92
CA ASP A 121 17.91 0.84 -2.98
C ASP A 121 18.21 1.04 -1.50
N ASP A 122 19.32 1.67 -1.17
CA ASP A 122 19.75 1.69 0.22
C ASP A 122 18.91 2.67 1.03
N GLU A 123 18.21 3.59 0.38
CA GLU A 123 17.30 4.50 1.06
C GLU A 123 15.94 3.86 1.39
N PHE A 124 15.67 2.62 0.96
CA PHE A 124 14.36 1.97 1.21
C PHE A 124 14.51 0.86 2.24
N ASP A 125 13.69 0.85 3.30
CA ASP A 125 13.75 -0.20 4.30
C ASP A 125 12.79 -1.34 3.94
N ASP A 126 13.17 -2.55 4.36
CA ASP A 126 12.34 -3.73 4.23
C ASP A 126 11.24 -3.68 5.29
N GLY A 127 10.20 -4.48 5.13
CA GLY A 127 9.16 -4.55 6.15
C GLY A 127 8.39 -5.83 6.06
N THR A 128 7.81 -6.24 7.19
CA THR A 128 7.02 -7.46 7.28
C THR A 128 5.66 -7.17 7.91
N LEU A 129 4.61 -7.58 7.21
CA LEU A 129 3.24 -7.48 7.68
C LEU A 129 2.77 -8.90 7.99
N ARG A 130 2.19 -9.07 9.18
CA ARG A 130 1.58 -10.33 9.57
C ARG A 130 0.10 -10.12 9.84
N LEU A 131 -0.74 -11.02 9.32
CA LEU A 131 -2.18 -10.98 9.56
C LEU A 131 -2.60 -12.27 10.27
N TYR A 132 -3.58 -12.17 11.15
CA TYR A 132 -4.04 -13.35 11.89
C TYR A 132 -5.44 -13.14 12.37
N GLN A 133 -6.22 -14.20 12.37
CA GLN A 133 -7.57 -14.19 12.92
C GLN A 133 -7.57 -14.59 14.39
N LYS A 134 -8.11 -13.71 15.22
CA LYS A 134 -8.33 -13.98 16.64
C LYS A 134 -9.42 -15.04 16.73
N GLY A 135 -9.13 -16.13 17.44
CA GLY A 135 -10.06 -17.25 17.56
C GLY A 135 -9.88 -18.35 16.50
N ASN A 136 -8.95 -18.15 15.56
CA ASN A 136 -8.73 -19.11 14.47
C ASN A 136 -7.32 -18.94 13.89
N LYS A 137 -6.34 -19.33 14.72
CA LYS A 137 -4.90 -19.20 14.43
C LYS A 137 -4.46 -19.76 13.09
N ASN A 138 -5.14 -20.79 12.59
CA ASN A 138 -4.79 -21.38 11.31
C ASN A 138 -4.97 -20.40 10.19
N ASN A 139 -5.88 -19.44 10.36
CA ASN A 139 -6.05 -18.40 9.37
C ASN A 139 -5.10 -17.24 9.68
N ARG A 140 -3.85 -17.38 9.24
CA ARG A 140 -2.87 -16.32 9.34
C ARG A 140 -1.97 -16.24 8.11
N ALA A 141 -1.23 -15.15 7.99
CA ALA A 141 -0.38 -14.92 6.84
C ALA A 141 0.76 -13.98 7.21
N GLU A 142 1.86 -14.08 6.47
CA GLU A 142 2.98 -13.14 6.57
C GLU A 142 3.36 -12.63 5.17
N ILE A 143 3.45 -11.31 5.02
CA ILE A 143 3.91 -10.69 3.76
C ILE A 143 5.21 -9.91 4.01
N SER A 144 6.30 -10.41 3.45
CA SER A 144 7.59 -9.77 3.60
CA SER A 144 7.60 -9.78 3.59
C SER A 144 7.93 -9.01 2.33
N VAL A 145 8.21 -7.71 2.47
CA VAL A 145 8.57 -6.84 1.31
C VAL A 145 10.02 -6.44 1.49
N PHE A 146 10.82 -6.62 0.45
CA PHE A 146 12.25 -6.39 0.56
C PHE A 146 12.89 -6.02 -0.75
N ASP A 147 14.11 -5.51 -0.67
CA ASP A 147 14.86 -5.09 -1.84
C ASP A 147 14.07 -4.08 -2.66
N ARG A 148 13.41 -3.15 -1.99
CA ARG A 148 12.71 -2.08 -2.69
C ARG A 148 13.81 -1.20 -3.33
N GLU A 149 13.53 -0.73 -4.54
CA GLU A 149 14.44 0.14 -5.28
C GLU A 149 13.68 1.08 -6.22
N PHE A 150 14.35 2.20 -6.48
CA PHE A 150 13.84 3.22 -7.32
C PHE A 150 13.93 2.80 -8.78
N VAL A 151 12.88 3.10 -9.55
CA VAL A 151 12.83 2.84 -11.00
C VAL A 151 12.87 4.17 -11.78
N THR A 152 11.89 5.01 -11.53
CA THR A 152 11.77 6.28 -12.21
C THR A 152 10.72 7.16 -11.52
N THR A 153 10.56 8.38 -12.05
CA THR A 153 9.40 9.21 -11.72
C THR A 153 8.67 9.44 -13.03
N GLU A 154 7.34 9.42 -13.00
CA GLU A 154 6.56 9.56 -14.21
C GLU A 154 5.11 9.83 -13.86
N THR A 155 4.35 10.36 -14.81
CA THR A 155 2.91 10.57 -14.66
C THR A 155 2.17 9.25 -14.84
N VAL A 156 1.18 9.03 -13.96
CA VAL A 156 0.34 7.84 -14.00
C VAL A 156 -1.10 8.33 -14.13
N ASN A 157 -1.84 7.79 -15.07
CA ASN A 157 -3.23 8.21 -15.32
C ASN A 157 -4.15 7.26 -14.63
N THR A 158 -5.07 7.77 -13.82
CA THR A 158 -5.98 6.93 -13.08
C THR A 158 -7.40 7.51 -13.17
N PRO A 159 -8.40 6.74 -12.70
CA PRO A 159 -9.77 7.29 -12.67
C PRO A 159 -9.93 8.57 -11.82
N ALA A 160 -9.08 8.72 -10.81
CA ALA A 160 -9.06 9.96 -10.00
C ALA A 160 -8.29 11.10 -10.66
N GLY A 161 -7.52 10.82 -11.70
CA GLY A 161 -6.75 11.85 -12.40
C GLY A 161 -5.33 11.39 -12.72
N ALA A 162 -4.53 12.33 -13.20
CA ALA A 162 -3.13 12.09 -13.57
C ALA A 162 -2.25 12.67 -12.48
N PHE A 163 -1.36 11.83 -11.94
CA PHE A 163 -0.48 12.21 -10.84
C PHE A 163 0.98 11.87 -11.16
N TYR A 164 1.89 12.81 -10.87
CA TYR A 164 3.31 12.59 -11.03
C TYR A 164 3.75 11.75 -9.83
N CYS A 165 4.32 10.59 -10.11
CA CYS A 165 4.63 9.61 -9.09
C CYS A 165 6.08 9.14 -9.10
N THR A 166 6.48 8.58 -7.97
CA THR A 166 7.71 7.81 -7.87
C THR A 166 7.37 6.34 -8.05
N LYS A 167 8.09 5.66 -8.93
CA LYS A 167 7.92 4.23 -9.21
C LYS A 167 9.01 3.43 -8.54
N VAL A 168 8.59 2.43 -7.79
CA VAL A 168 9.45 1.57 -7.01
C VAL A 168 9.21 0.11 -7.43
N LYS A 169 10.26 -0.70 -7.43
CA LYS A 169 10.16 -2.14 -7.65
C LYS A 169 10.56 -2.81 -6.32
N TYR A 170 9.92 -3.93 -6.00
CA TYR A 170 10.19 -4.67 -4.75
C TYR A 170 10.00 -6.18 -4.95
N GLU A 171 10.64 -6.96 -4.09
CA GLU A 171 10.38 -8.37 -4.03
C GLU A 171 9.50 -8.66 -2.86
N ASN A 173 7.71 -12.13 -0.33
CA ASN A 173 7.45 -13.51 0.07
CA ASN A 173 7.46 -13.50 0.08
C ASN A 173 6.14 -13.48 0.83
N ILE A 174 5.21 -14.36 0.45
CA ILE A 174 3.91 -14.47 1.10
C ILE A 174 3.76 -15.90 1.60
N TRP A 175 3.61 -16.06 2.91
CA TRP A 175 3.46 -17.36 3.51
C TRP A 175 2.14 -17.44 4.24
N THR A 176 1.43 -18.55 4.06
CA THR A 176 0.31 -18.95 4.91
C THR A 176 0.64 -20.40 5.26
N PRO A 177 -0.08 -20.98 6.24
CA PRO A 177 0.13 -22.40 6.54
C PRO A 177 -0.15 -23.32 5.34
N LYS A 178 -0.95 -22.88 4.38
CA LYS A 178 -1.24 -23.68 3.19
C LYS A 178 -0.27 -23.48 2.02
N GLU A 179 0.44 -22.34 1.93
CA GLU A 179 1.39 -22.12 0.82
C GLU A 179 2.33 -20.91 0.94
N THR A 180 3.45 -21.01 0.20
CA THR A 180 4.39 -19.92 0.01
C THR A 180 4.30 -19.47 -1.43
N ILE A 181 4.15 -18.17 -1.63
CA ILE A 181 4.16 -17.54 -2.95
C ILE A 181 5.39 -16.61 -2.93
N LYS A 182 6.20 -16.65 -3.98
CA LYS A 182 7.32 -15.73 -4.15
C LYS A 182 7.05 -14.89 -5.38
N GLY A 183 7.37 -13.61 -5.29
CA GLY A 183 7.15 -12.73 -6.45
C GLY A 183 7.78 -11.38 -6.32
N TYR A 184 7.32 -10.47 -7.17
CA TYR A 184 7.84 -9.11 -7.19
C TYR A 184 6.68 -8.16 -7.54
N GLY A 185 6.89 -6.87 -7.34
CA GLY A 185 5.83 -5.91 -7.62
C GLY A 185 6.38 -4.53 -7.92
N TYR A 186 5.49 -3.66 -8.37
CA TYR A 186 5.80 -2.27 -8.58
C TYR A 186 4.76 -1.44 -7.84
N GLU A 187 5.18 -0.29 -7.34
CA GLU A 187 4.21 0.68 -6.85
C GLU A 187 4.63 2.10 -7.21
N TRP A 188 3.60 2.93 -7.32
CA TRP A 188 3.73 4.28 -7.72
C TRP A 188 3.11 5.10 -6.61
N TYR A 189 3.84 6.10 -6.09
CA TYR A 189 3.30 6.94 -5.03
C TYR A 189 3.53 8.42 -5.26
N ALA A 190 2.64 9.20 -4.66
CA ALA A 190 2.56 10.63 -4.89
C ALA A 190 2.27 11.38 -3.60
N PRO A 191 2.74 12.64 -3.52
CA PRO A 191 2.46 13.53 -2.39
C PRO A 191 0.97 13.70 -2.16
N ASN A 192 0.58 13.69 -0.88
CA ASN A 192 -0.76 13.90 -0.40
C ASN A 192 -1.77 12.78 -0.79
N ILE A 193 -1.29 11.68 -1.35
CA ILE A 193 -2.18 10.58 -1.77
C ILE A 193 -1.69 9.25 -1.24
N GLY A 194 -0.40 8.97 -1.40
CA GLY A 194 0.16 7.67 -1.09
C GLY A 194 0.24 6.87 -2.37
N ILE A 195 -0.18 5.61 -2.29
CA ILE A 195 -0.11 4.69 -3.43
C ILE A 195 -1.18 5.04 -4.46
N VAL A 196 -0.73 5.33 -5.66
CA VAL A 196 -1.60 5.66 -6.79
C VAL A 196 -1.89 4.40 -7.61
N ARG A 197 -0.89 3.52 -7.71
CA ARG A 197 -1.01 2.30 -8.48
C ARG A 197 -0.04 1.28 -7.94
N SER A 198 -0.41 0.01 -8.02
CA SER A 198 0.50 -1.08 -7.71
C SER A 198 0.18 -2.27 -8.58
N GLU A 199 1.17 -3.13 -8.76
CA GLU A 199 1.04 -4.34 -9.57
C GLU A 199 1.82 -5.46 -8.91
N GLN A 200 1.24 -6.67 -8.88
CA GLN A 200 1.92 -7.84 -8.32
C GLN A 200 2.09 -8.92 -9.37
N TYR A 201 3.30 -9.52 -9.39
CA TYR A 201 3.70 -10.61 -10.29
C TYR A 201 4.24 -11.80 -9.52
N ASN A 202 4.16 -12.99 -10.11
CA ASN A 202 4.84 -14.17 -9.52
C ASN A 202 6.23 -14.20 -10.11
N ASN A 203 7.05 -15.16 -9.69
CA ASN A 203 8.43 -15.14 -10.21
C ASN A 203 8.61 -15.58 -11.66
N LYS A 204 7.51 -15.89 -12.35
CA LYS A 204 7.55 -16.15 -13.79
CA LYS A 204 7.55 -16.15 -13.79
C LYS A 204 7.21 -14.88 -14.57
N LYS A 205 6.99 -13.77 -13.88
CA LYS A 205 6.67 -12.48 -14.53
C LYS A 205 5.24 -12.45 -15.04
N GLU A 206 4.37 -13.23 -14.42
CA GLU A 206 2.96 -13.29 -14.78
C GLU A 206 2.20 -12.42 -13.80
N LEU A 207 1.46 -11.45 -14.33
CA LEU A 207 0.63 -10.56 -13.53
C LEU A 207 -0.36 -11.35 -12.67
N GLN A 208 -0.35 -11.07 -11.37
CA GLN A 208 -1.24 -11.69 -10.41
C GLN A 208 -2.39 -10.76 -10.03
N SER A 209 -2.14 -9.46 -10.01
CA SER A 209 -3.13 -8.52 -9.54
C SER A 209 -2.59 -7.11 -9.66
N TYR A 210 -3.48 -6.15 -9.45
CA TYR A 210 -3.08 -4.78 -9.44
C TYR A 210 -4.17 -3.93 -8.80
N SER A 211 -3.77 -2.74 -8.37
CA SER A 211 -4.69 -1.78 -7.79
C SER A 211 -4.41 -0.40 -8.38
N VAL A 212 -5.46 0.43 -8.45
CA VAL A 212 -5.41 1.75 -9.05
C VAL A 212 -6.28 2.71 -8.21
N LEU A 213 -5.75 3.88 -7.93
CA LEU A 213 -6.48 4.96 -7.28
C LEU A 213 -7.76 5.23 -8.06
N GLU A 214 -8.88 5.24 -7.36
CA GLU A 214 -10.18 5.38 -7.96
C GLU A 214 -10.84 6.74 -7.66
N ARG A 215 -10.68 7.26 -6.45
CA ARG A 215 -11.37 8.49 -6.07
C ARG A 215 -10.67 9.23 -4.92
N ILE A 216 -10.66 10.57 -5.01
CA ILE A 216 -10.22 11.47 -3.95
C ILE A 216 -11.42 12.35 -3.62
N LYS A 217 -11.86 12.37 -2.36
CA LYS A 217 -12.98 13.21 -1.91
C LYS A 217 -12.40 14.05 -0.75
N LYS A 218 -12.20 15.34 -1.01
CA LYS A 218 -11.72 16.27 -0.01
C LYS A 218 -12.94 16.99 0.56
#